data_3PLX
#
_entry.id   3PLX
#
_cell.length_a   82.099
_cell.length_b   82.099
_cell.length_c   95.380
_cell.angle_alpha   90.00
_cell.angle_beta   90.00
_cell.angle_gamma   90.00
#
_symmetry.space_group_name_H-M   'I 4 2 2'
#
loop_
_entity.id
_entity.type
_entity.pdbx_description
1 polymer 'Aspartate 1-decarboxylase'
2 polymer 'Aspartate 1-decarboxylase'
3 non-polymer 'ACETATE ION'
4 non-polymer DI(HYDROXYETHYL)ETHER
5 water water
#
loop_
_entity_poly.entity_id
_entity_poly.type
_entity_poly.pdbx_seq_one_letter_code
_entity_poly.pdbx_strand_id
1 'polypeptide(L)' SNAMNITLLKSKIHRASVTEARLDYIG A
2 'polypeptide(L)'
;(PYR)ISIDEKLLQASGILEYEKVQVVNVNNGARFETYTIATQEEGVVCLNGAAARLAEVGDKVIIMSYADFNEEEAKTF
KPKVVFVDENNTATKITNYEKHGAIF
;
B
#
# COMPACT_ATOMS: atom_id res chain seq x y z
N ALA A 3 -15.99 4.13 -24.05
CA ALA A 3 -14.65 4.39 -24.57
C ALA A 3 -13.58 3.63 -23.80
N MET A 4 -12.41 3.48 -24.40
CA MET A 4 -11.35 2.64 -23.86
C MET A 4 -10.75 3.16 -22.56
N ASN A 5 -10.78 2.32 -21.52
CA ASN A 5 -10.14 2.65 -20.25
C ASN A 5 -8.86 1.86 -20.07
N ILE A 6 -7.84 2.51 -19.51
CA ILE A 6 -6.62 1.80 -19.13
C ILE A 6 -6.33 1.98 -17.65
N THR A 7 -5.46 1.14 -17.13
CA THR A 7 -5.22 1.11 -15.70
C THR A 7 -3.82 1.59 -15.37
N LEU A 8 -3.72 2.60 -14.50
CA LEU A 8 -2.43 3.08 -14.02
C LEU A 8 -2.28 2.84 -12.54
N LEU A 9 -1.03 2.73 -12.08
CA LEU A 9 -0.76 2.89 -10.66
C LEU A 9 -1.30 4.24 -10.19
N LYS A 10 -2.09 4.23 -9.12
CA LYS A 10 -2.64 5.46 -8.53
C LYS A 10 -1.74 5.97 -7.42
N SER A 11 -1.32 5.06 -6.53
CA SER A 11 -0.41 5.44 -5.46
C SER A 11 0.27 4.23 -4.84
N LYS A 12 1.35 4.48 -4.12
CA LYS A 12 2.00 3.39 -3.40
C LYS A 12 2.67 3.84 -2.12
N ILE A 13 2.72 2.90 -1.18
CA ILE A 13 3.51 3.05 0.03
C ILE A 13 4.69 2.10 -0.13
N HIS A 14 5.91 2.64 -0.11
CA HIS A 14 7.08 1.86 -0.52
C HIS A 14 7.83 1.32 0.70
N ARG A 15 7.97 0.00 0.76
CA ARG A 15 8.82 -0.63 1.79
C ARG A 15 8.42 -0.29 3.22
N ALA A 16 7.14 -0.46 3.53
CA ALA A 16 6.66 -0.40 4.91
C ALA A 16 7.08 -1.70 5.57
N SER A 17 7.22 -1.67 6.90
CA SER A 17 7.57 -2.87 7.65
C SER A 17 6.35 -3.52 8.27
N VAL A 18 6.17 -4.82 8.05
CA VAL A 18 5.08 -5.50 8.71
C VAL A 18 5.26 -5.49 10.24
N THR A 19 4.26 -5.02 10.96
CA THR A 19 4.35 -4.93 12.42
C THR A 19 3.62 -6.07 13.15
N GLU A 20 2.70 -6.73 12.47
CA GLU A 20 1.95 -7.83 13.08
C GLU A 20 1.31 -8.65 11.98
N ALA A 21 1.09 -9.92 12.25
CA ALA A 21 0.39 -10.79 11.30
C ALA A 21 -0.59 -11.67 12.08
N ARG A 22 -1.87 -11.36 11.94
CA ARG A 22 -2.91 -11.88 12.81
C ARG A 22 -3.84 -12.81 12.04
N LEU A 23 -3.56 -14.11 12.10
CA LEU A 23 -4.32 -15.08 11.33
C LEU A 23 -5.81 -15.11 11.70
N ASP A 24 -6.08 -15.13 13.01
CA ASP A 24 -7.43 -15.43 13.47
CA ASP A 24 -7.42 -15.42 13.53
C ASP A 24 -8.31 -14.19 13.65
N TYR A 25 -7.88 -13.09 13.04
CA TYR A 25 -8.60 -11.81 13.13
C TYR A 25 -10.11 -11.90 12.84
N ILE A 26 -10.91 -11.35 13.75
CA ILE A 26 -12.37 -11.28 13.56
C ILE A 26 -12.78 -9.82 13.37
N GLY A 27 -13.06 -9.45 12.13
CA GLY A 27 -13.34 -8.07 11.80
C GLY A 27 -13.16 -7.83 10.31
N ILE B 2 -5.60 -5.85 5.42
CA ILE B 2 -4.38 -5.16 5.84
C ILE B 2 -4.73 -3.88 6.58
N SER B 3 -4.40 -3.87 7.86
CA SER B 3 -4.68 -2.73 8.72
C SER B 3 -3.47 -1.81 8.66
N ILE B 4 -3.71 -0.56 8.29
CA ILE B 4 -2.63 0.37 8.02
C ILE B 4 -2.90 1.68 8.76
N ASP B 5 -1.86 2.19 9.42
CA ASP B 5 -1.90 3.50 10.05
C ASP B 5 -2.63 4.49 9.14
N GLU B 6 -3.68 5.12 9.66
CA GLU B 6 -4.45 6.08 8.87
C GLU B 6 -3.56 7.19 8.32
N LYS B 7 -2.46 7.48 8.99
CA LYS B 7 -1.52 8.51 8.49
C LYS B 7 -0.95 8.10 7.13
N LEU B 8 -0.67 6.82 6.96
CA LEU B 8 -0.11 6.33 5.70
C LEU B 8 -1.14 6.23 4.60
N LEU B 9 -2.38 5.90 4.96
CA LEU B 9 -3.47 5.93 4.00
C LEU B 9 -3.70 7.35 3.51
N GLN B 10 -3.70 8.28 4.45
CA GLN B 10 -3.88 9.70 4.11
C GLN B 10 -2.76 10.16 3.17
N ALA B 11 -1.53 9.84 3.52
CA ALA B 11 -0.37 10.29 2.76
C ALA B 11 -0.39 9.74 1.34
N SER B 12 -0.83 8.50 1.19
CA SER B 12 -0.81 7.84 -0.12
C SER B 12 -2.11 8.08 -0.91
N GLY B 13 -3.13 8.59 -0.24
CA GLY B 13 -4.41 8.82 -0.89
C GLY B 13 -5.15 7.52 -1.11
N ILE B 14 -4.74 6.49 -0.39
CA ILE B 14 -5.46 5.21 -0.45
C ILE B 14 -6.60 5.26 0.56
N LEU B 15 -7.80 4.93 0.12
CA LEU B 15 -8.95 5.00 0.99
C LEU B 15 -9.07 3.76 1.87
N GLU B 16 -9.69 3.92 3.03
CA GLU B 16 -10.08 2.76 3.80
C GLU B 16 -11.04 1.92 2.95
N TYR B 17 -10.85 0.60 2.97
CA TYR B 17 -11.63 -0.38 2.18
C TYR B 17 -11.27 -0.42 0.70
N GLU B 18 -10.27 0.37 0.29
CA GLU B 18 -9.81 0.30 -1.09
C GLU B 18 -9.04 -1.00 -1.35
N LYS B 19 -9.22 -1.57 -2.54
CA LYS B 19 -8.44 -2.73 -2.95
C LYS B 19 -6.98 -2.34 -3.16
N VAL B 20 -6.07 -3.14 -2.61
CA VAL B 20 -4.64 -2.88 -2.80
C VAL B 20 -3.93 -4.16 -3.19
N GLN B 21 -2.87 -3.99 -3.98
CA GLN B 21 -1.93 -5.08 -4.22
C GLN B 21 -0.80 -4.92 -3.22
N VAL B 22 -0.45 -6.01 -2.54
CA VAL B 22 0.62 -5.97 -1.54
C VAL B 22 1.67 -6.97 -2.01
N VAL B 23 2.93 -6.54 -2.08
CA VAL B 23 3.99 -7.47 -2.43
C VAL B 23 5.06 -7.44 -1.35
N ASN B 24 5.63 -8.60 -1.07
CA ASN B 24 6.53 -8.77 0.05
C ASN B 24 7.93 -8.94 -0.52
N VAL B 25 8.79 -7.98 -0.24
CA VAL B 25 10.16 -8.00 -0.74
C VAL B 25 10.97 -9.16 -0.17
N ASN B 26 10.71 -9.51 1.08
CA ASN B 26 11.45 -10.60 1.70
C ASN B 26 11.19 -11.97 1.09
N ASN B 27 9.92 -12.30 0.84
CA ASN B 27 9.59 -13.65 0.38
C ASN B 27 8.99 -13.73 -1.03
N GLY B 28 8.81 -12.57 -1.66
CA GLY B 28 8.30 -12.52 -3.02
C GLY B 28 6.82 -12.74 -3.17
N ALA B 29 6.11 -12.87 -2.06
CA ALA B 29 4.66 -13.06 -2.16
C ALA B 29 4.00 -11.84 -2.79
N ARG B 30 2.91 -12.08 -3.52
CA ARG B 30 2.13 -11.00 -4.14
C ARG B 30 0.66 -11.36 -3.99
N PHE B 31 -0.14 -10.42 -3.49
CA PHE B 31 -1.56 -10.68 -3.28
C PHE B 31 -2.39 -9.42 -3.32
N GLU B 32 -3.69 -9.59 -3.43
CA GLU B 32 -4.59 -8.46 -3.32
C GLU B 32 -5.48 -8.61 -2.10
N THR B 33 -5.77 -7.49 -1.49
CA THR B 33 -6.68 -7.47 -0.35
C THR B 33 -7.29 -6.07 -0.29
N TYR B 34 -7.90 -5.69 0.83
CA TYR B 34 -8.42 -4.35 0.99
C TYR B 34 -7.88 -3.75 2.28
N THR B 35 -7.91 -2.42 2.40
CA THR B 35 -7.32 -1.80 3.57
C THR B 35 -8.32 -1.62 4.69
N ILE B 36 -7.80 -1.62 5.91
CA ILE B 36 -8.56 -1.19 7.08
C ILE B 36 -7.72 -0.12 7.75
N ALA B 37 -8.35 0.99 8.15
CA ALA B 37 -7.60 2.05 8.82
C ALA B 37 -7.48 1.80 10.31
N THR B 38 -6.34 2.15 10.88
CA THR B 38 -6.19 2.16 12.33
C THR B 38 -5.59 3.48 12.79
N GLN B 39 -6.03 3.96 13.95
CA GLN B 39 -5.47 5.18 14.51
C GLN B 39 -4.10 4.92 15.15
N GLU B 40 -3.77 3.64 15.33
CA GLU B 40 -2.52 3.29 15.99
C GLU B 40 -1.35 3.56 15.06
N GLU B 41 -0.44 4.41 15.53
CA GLU B 41 0.62 4.92 14.68
C GLU B 41 1.66 3.86 14.29
N GLY B 42 2.02 3.83 13.02
CA GLY B 42 3.08 2.96 12.55
C GLY B 42 2.67 1.54 12.21
N VAL B 43 1.39 1.22 12.40
CA VAL B 43 0.92 -0.16 12.23
C VAL B 43 0.76 -0.54 10.78
N VAL B 44 1.32 -1.70 10.40
CA VAL B 44 1.00 -2.36 9.15
C VAL B 44 0.81 -3.84 9.52
N CYS B 45 -0.45 -4.25 9.62
CA CYS B 45 -0.79 -5.55 10.17
C CYS B 45 -1.56 -6.38 9.16
N LEU B 46 -1.06 -7.58 8.87
CA LEU B 46 -1.75 -8.48 7.95
CA LEU B 46 -1.76 -8.48 7.94
C LEU B 46 -2.67 -9.42 8.71
N ASN B 47 -3.98 -9.33 8.43
CA ASN B 47 -4.98 -10.13 9.13
C ASN B 47 -5.47 -11.26 8.24
N GLY B 48 -6.07 -12.27 8.85
CA GLY B 48 -6.69 -13.35 8.09
C GLY B 48 -5.70 -14.19 7.29
N ALA B 49 -6.13 -14.63 6.11
CA ALA B 49 -5.31 -15.53 5.31
C ALA B 49 -3.97 -14.88 4.96
N ALA B 50 -3.98 -13.55 4.80
CA ALA B 50 -2.77 -12.84 4.42
C ALA B 50 -1.66 -12.99 5.47
N ALA B 51 -2.03 -13.35 6.68
CA ALA B 51 -1.04 -13.54 7.74
C ALA B 51 -0.03 -14.61 7.36
N ARG B 52 -0.43 -15.56 6.52
CA ARG B 52 0.48 -16.62 6.10
C ARG B 52 1.48 -16.18 5.04
N LEU B 53 1.36 -14.94 4.58
CA LEU B 53 2.22 -14.47 3.51
C LEU B 53 3.26 -13.45 3.98
N ALA B 54 3.36 -13.25 5.29
CA ALA B 54 4.40 -12.38 5.81
C ALA B 54 4.73 -12.70 7.26
N GLU B 55 5.91 -12.26 7.68
CA GLU B 55 6.32 -12.34 9.08
C GLU B 55 6.62 -10.92 9.54
N VAL B 56 6.52 -10.69 10.83
CA VAL B 56 6.85 -9.37 11.37
C VAL B 56 8.26 -8.97 10.93
N GLY B 57 8.39 -7.74 10.43
CA GLY B 57 9.68 -7.25 9.98
C GLY B 57 9.82 -7.26 8.46
N ASP B 58 8.99 -8.02 7.76
CA ASP B 58 9.09 -8.08 6.31
C ASP B 58 8.82 -6.70 5.70
N LYS B 59 9.50 -6.41 4.59
CA LYS B 59 9.27 -5.16 3.87
C LYS B 59 8.22 -5.42 2.80
N VAL B 60 7.19 -4.59 2.78
CA VAL B 60 6.12 -4.71 1.78
C VAL B 60 5.93 -3.43 0.99
N ILE B 61 5.43 -3.57 -0.22
CA ILE B 61 5.08 -2.44 -1.07
C ILE B 61 3.58 -2.57 -1.31
N ILE B 62 2.84 -1.51 -1.02
CA ILE B 62 1.37 -1.52 -1.05
C ILE B 62 0.91 -0.55 -2.13
N MET B 63 0.17 -1.05 -3.12
CA MET B 63 -0.14 -0.26 -4.32
C MET B 63 -1.64 -0.22 -4.55
N SER B 64 -2.14 0.93 -4.98
CA SER B 64 -3.51 1.01 -5.47
C SER B 64 -3.47 1.42 -6.91
N TYR B 65 -4.49 1.00 -7.68
CA TYR B 65 -4.54 1.29 -9.11
C TYR B 65 -5.86 1.93 -9.41
N ALA B 66 -5.93 2.63 -10.54
CA ALA B 66 -7.20 3.24 -10.95
C ALA B 66 -7.33 3.20 -12.46
N ASP B 67 -8.57 3.29 -12.95
CA ASP B 67 -8.83 3.30 -14.38
C ASP B 67 -9.01 4.72 -14.91
N PHE B 68 -8.42 4.99 -16.07
CA PHE B 68 -8.42 6.31 -16.68
C PHE B 68 -8.82 6.20 -18.15
N ASN B 69 -9.42 7.25 -18.69
CA ASN B 69 -9.51 7.34 -20.14
C ASN B 69 -8.12 7.71 -20.69
N GLU B 70 -7.93 7.51 -21.98
CA GLU B 70 -6.60 7.65 -22.59
C GLU B 70 -5.99 9.03 -22.38
N GLU B 71 -6.83 10.06 -22.45
CA GLU B 71 -6.34 11.43 -22.38
C GLU B 71 -5.87 11.79 -20.98
N GLU B 72 -6.67 11.44 -19.97
CA GLU B 72 -6.31 11.68 -18.58
C GLU B 72 -5.06 10.89 -18.20
N ALA B 73 -4.95 9.68 -18.73
CA ALA B 73 -3.83 8.81 -18.38
C ALA B 73 -2.49 9.42 -18.76
N LYS B 74 -2.45 10.14 -19.87
CA LYS B 74 -1.22 10.74 -20.38
C LYS B 74 -0.53 11.63 -19.35
N THR B 75 -1.33 12.32 -18.54
CA THR B 75 -0.81 13.36 -17.66
C THR B 75 -0.86 13.00 -16.17
N PHE B 76 -1.36 11.83 -15.84
CA PHE B 76 -1.49 11.44 -14.44
C PHE B 76 -0.14 11.08 -13.83
N LYS B 77 0.10 11.55 -12.60
CA LYS B 77 1.31 11.20 -11.87
C LYS B 77 0.95 10.50 -10.57
N PRO B 78 1.36 9.24 -10.42
CA PRO B 78 1.04 8.51 -9.19
C PRO B 78 1.67 9.11 -7.94
N LYS B 79 1.01 8.92 -6.81
CA LYS B 79 1.51 9.39 -5.52
C LYS B 79 2.40 8.31 -4.91
N VAL B 80 3.55 8.69 -4.37
CA VAL B 80 4.43 7.73 -3.74
C VAL B 80 4.79 8.18 -2.33
N VAL B 81 4.68 7.26 -1.38
CA VAL B 81 5.05 7.51 0.01
C VAL B 81 6.20 6.60 0.44
N PHE B 82 7.27 7.19 0.94
CA PHE B 82 8.39 6.43 1.50
C PHE B 82 8.35 6.56 3.02
N VAL B 83 8.79 5.52 3.72
CA VAL B 83 8.72 5.52 5.18
C VAL B 83 10.03 5.06 5.79
N ASP B 84 10.20 5.32 7.08
CA ASP B 84 11.38 4.82 7.77
C ASP B 84 11.09 3.48 8.44
N GLU B 85 12.00 3.03 9.30
CA GLU B 85 11.88 1.71 9.89
C GLU B 85 10.70 1.63 10.85
N ASN B 86 10.18 2.79 11.24
CA ASN B 86 9.04 2.85 12.14
C ASN B 86 7.73 3.10 11.41
N ASN B 87 7.79 3.01 10.09
CA ASN B 87 6.63 3.28 9.23
C ASN B 87 6.14 4.72 9.32
N THR B 88 7.05 5.62 9.65
CA THR B 88 6.76 7.05 9.62
C THR B 88 7.12 7.58 8.24
N ALA B 89 6.22 8.34 7.62
CA ALA B 89 6.49 8.90 6.31
C ALA B 89 7.77 9.74 6.33
N THR B 90 8.62 9.54 5.33
CA THR B 90 9.84 10.37 5.20
C THR B 90 9.77 11.23 3.94
N LYS B 91 8.96 10.81 2.98
CA LYS B 91 8.84 11.52 1.72
C LYS B 91 7.48 11.21 1.12
N ILE B 92 6.80 12.24 0.64
CA ILE B 92 5.55 12.08 -0.06
C ILE B 92 5.67 12.88 -1.33
N THR B 93 5.59 12.21 -2.47
CA THR B 93 5.73 12.96 -3.70
C THR B 93 4.96 12.30 -4.81
N ASN B 94 5.11 12.83 -6.01
CA ASN B 94 4.53 12.21 -7.18
C ASN B 94 5.64 11.82 -8.14
N TYR B 95 5.45 10.71 -8.82
CA TYR B 95 6.38 10.28 -9.85
C TYR B 95 6.48 11.32 -10.95
N GLU B 96 7.69 11.57 -11.41
CA GLU B 96 7.88 12.35 -12.62
C GLU B 96 8.30 11.41 -13.75
N LYS B 97 8.57 11.96 -14.93
CA LYS B 97 8.95 11.12 -16.07
C LYS B 97 10.18 10.27 -15.73
N HIS B 98 10.23 9.06 -16.28
CA HIS B 98 11.35 8.14 -16.08
C HIS B 98 11.58 7.75 -14.63
N GLY B 99 10.49 7.53 -13.89
CA GLY B 99 10.59 7.08 -12.51
C GLY B 99 11.27 8.04 -11.56
N ALA B 100 11.44 9.29 -11.99
CA ALA B 100 12.07 10.30 -11.14
C ALA B 100 11.22 10.62 -9.90
N ILE B 101 11.89 10.77 -8.75
CA ILE B 101 11.21 11.04 -7.48
C ILE B 101 11.73 12.32 -6.82
#